data_4G78
#
_entry.id   4G78
#
_cell.length_a   25.240
_cell.length_b   50.150
_cell.length_c   50.380
_cell.angle_alpha   90.00
_cell.angle_beta   97.44
_cell.angle_gamma   90.00
#
_symmetry.space_group_name_H-M   'P 1 21 1'
#
loop_
_entity.id
_entity.type
_entity.pdbx_description
1 polymer 'Histidine phosphotransfer protein'
2 water water
#
_entity_poly.entity_id   1
_entity_poly.type   'polypeptide(L)'
_entity_poly.pdbx_seq_one_letter_code
;SNAMDHLHRKLRDHEAAMFQQGYLDDQFSQLQKLQDDTSPDFVIEVMTMFFDDSEKLLNNMSRALEQVPVNFKQIDAHAH
QQKGSSASVGAARVKNVCGTFRNFCEAQNLEGCVRCLQQLQQEYSLLKNNLKYLFKLQQEIKTAGRSIHTRG
;
_entity_poly.pdbx_strand_id   A
#
# COMPACT_ATOMS: atom_id res chain seq x y z
N SER A 1 -23.84 24.70 3.42
CA SER A 1 -23.51 23.42 2.79
CA SER A 1 -23.39 23.45 2.74
C SER A 1 -22.81 22.55 3.85
N ASN A 2 -22.60 21.30 3.59
CA ASN A 2 -21.92 20.36 4.44
C ASN A 2 -20.43 20.32 4.21
N ALA A 3 -19.88 21.24 3.40
CA ALA A 3 -18.44 21.23 3.09
C ALA A 3 -17.50 21.27 4.21
N MET A 4 -17.95 21.85 5.35
CA MET A 4 -17.19 21.96 6.54
C MET A 4 -17.70 21.09 7.66
N ASP A 5 -18.52 20.09 7.34
CA ASP A 5 -19.04 19.22 8.35
C ASP A 5 -17.96 18.23 8.85
N HIS A 6 -18.32 17.49 9.88
CA HIS A 6 -17.34 16.70 10.57
C HIS A 6 -16.75 15.64 9.69
N LEU A 7 -17.53 15.05 8.76
CA LEU A 7 -17.01 14.04 7.88
C LEU A 7 -16.04 14.61 6.85
N HIS A 8 -16.41 15.78 6.28
CA HIS A 8 -15.56 16.42 5.35
C HIS A 8 -14.23 16.86 5.97
N ARG A 9 -14.29 17.42 7.16
CA ARG A 9 -13.09 17.84 7.87
C ARG A 9 -12.23 16.62 8.21
N LYS A 10 -12.84 15.55 8.68
CA LYS A 10 -12.07 14.37 9.04
C LYS A 10 -11.39 13.79 7.81
N LEU A 11 -12.10 13.71 6.69
CA LEU A 11 -11.51 13.17 5.49
C LEU A 11 -10.31 13.98 5.06
N ARG A 12 -10.47 15.32 5.00
CA ARG A 12 -9.35 16.15 4.57
C ARG A 12 -8.19 16.01 5.58
N ASP A 13 -8.48 15.99 6.85
CA ASP A 13 -7.44 15.94 7.88
C ASP A 13 -6.69 14.60 7.84
N HIS A 14 -7.46 13.51 7.71
CA HIS A 14 -6.85 12.17 7.68
CA HIS A 14 -6.82 12.17 7.70
C HIS A 14 -5.99 11.99 6.44
N GLU A 15 -6.55 12.40 5.30
CA GLU A 15 -5.71 12.28 4.07
CA GLU A 15 -5.71 12.28 4.07
C GLU A 15 -4.46 13.14 4.18
N ALA A 16 -4.59 14.38 4.64
CA ALA A 16 -3.41 15.22 4.77
C ALA A 16 -2.39 14.58 5.73
N ALA A 17 -2.88 13.97 6.81
CA ALA A 17 -1.96 13.31 7.76
C ALA A 17 -1.24 12.16 7.08
N MET A 18 -1.94 11.41 6.25
CA MET A 18 -1.30 10.31 5.51
C MET A 18 -0.18 10.81 4.64
N PHE A 19 -0.38 11.94 3.96
CA PHE A 19 0.70 12.51 3.18
C PHE A 19 1.84 13.02 4.10
N GLN A 20 1.50 13.72 5.18
CA GLN A 20 2.54 14.33 6.01
C GLN A 20 3.44 13.27 6.61
N GLN A 21 2.85 12.13 7.02
CA GLN A 21 3.58 11.02 7.61
C GLN A 21 4.20 10.09 6.59
N GLY A 22 3.99 10.36 5.29
CA GLY A 22 4.71 9.65 4.25
C GLY A 22 4.05 8.38 3.75
N TYR A 23 2.81 8.09 4.16
CA TYR A 23 2.12 6.92 3.67
C TYR A 23 1.82 7.01 2.18
N LEU A 24 1.50 8.23 1.72
CA LEU A 24 1.08 8.49 0.35
C LEU A 24 2.00 9.54 -0.25
N ASP A 25 2.16 9.44 -1.58
CA ASP A 25 2.84 10.44 -2.35
C ASP A 25 2.00 10.85 -3.56
N ASP A 26 2.57 11.73 -4.37
CA ASP A 26 1.81 12.34 -5.43
C ASP A 26 1.20 11.35 -6.43
N GLN A 27 1.72 10.14 -6.58
CA GLN A 27 0.99 9.21 -7.46
C GLN A 27 -0.38 8.93 -6.97
N PHE A 28 -0.59 8.88 -5.64
CA PHE A 28 -1.92 8.73 -5.11
C PHE A 28 -2.78 9.94 -5.49
N SER A 29 -2.19 11.15 -5.34
CA SER A 29 -2.90 12.35 -5.76
C SER A 29 -3.31 12.27 -7.23
N GLN A 30 -2.45 11.74 -8.06
CA GLN A 30 -2.79 11.58 -9.51
C GLN A 30 -3.99 10.70 -9.65
N LEU A 31 -4.08 9.61 -8.91
CA LEU A 31 -5.28 8.73 -8.96
C LEU A 31 -6.49 9.47 -8.56
N GLN A 32 -6.39 10.34 -7.56
CA GLN A 32 -7.54 11.03 -6.99
C GLN A 32 -7.98 12.24 -7.78
N LYS A 33 -7.18 12.67 -8.73
CA LYS A 33 -7.48 13.98 -9.36
C LYS A 33 -8.81 13.93 -10.02
N LEU A 34 -9.56 15.00 -10.01
CA LEU A 34 -10.74 15.13 -10.82
C LEU A 34 -10.41 14.80 -12.33
N GLN A 35 -11.24 14.08 -12.95
CA GLN A 35 -11.27 13.66 -14.36
C GLN A 35 -12.66 13.80 -14.96
N ASP A 36 -12.80 13.90 -16.28
CA ASP A 36 -14.16 14.10 -16.85
C ASP A 36 -14.91 12.78 -17.22
N ASP A 37 -14.31 11.59 -16.90
CA ASP A 37 -15.11 10.38 -17.13
C ASP A 37 -14.93 9.42 -15.93
N THR A 38 -14.04 9.54 -15.00
CA THR A 38 -13.92 8.70 -13.85
C THR A 38 -14.36 9.44 -12.67
N SER A 39 -14.76 8.71 -11.63
CA SER A 39 -15.29 9.22 -10.40
C SER A 39 -14.31 9.00 -9.24
N PRO A 40 -14.44 9.15 -7.86
N PRO A 40 -14.84 9.71 -8.30
CA PRO A 40 -13.58 8.59 -6.76
CA PRO A 40 -13.98 9.89 -7.21
C PRO A 40 -13.47 7.09 -6.49
C PRO A 40 -13.74 8.51 -6.78
N ASP A 41 -14.50 6.44 -6.96
N ASP A 41 -14.47 7.52 -7.26
CA ASP A 41 -14.41 4.99 -6.91
CA ASP A 41 -14.27 6.14 -6.81
C ASP A 41 -13.31 4.51 -7.83
C ASP A 41 -13.31 5.26 -7.58
N PHE A 42 -12.77 5.44 -8.70
CA PHE A 42 -11.70 4.90 -9.48
C PHE A 42 -10.54 4.51 -8.59
N VAL A 43 -10.19 5.41 -7.65
CA VAL A 43 -9.05 5.10 -6.75
CA VAL A 43 -9.11 5.11 -6.74
C VAL A 43 -9.35 3.89 -5.90
N ILE A 44 -10.60 3.71 -5.45
CA ILE A 44 -10.97 2.54 -4.68
C ILE A 44 -10.77 1.28 -5.51
N GLU A 45 -11.21 1.32 -6.79
CA GLU A 45 -11.07 0.17 -7.69
C GLU A 45 -9.57 -0.20 -7.82
N VAL A 46 -8.76 0.81 -8.10
CA VAL A 46 -7.31 0.61 -8.24
C VAL A 46 -6.74 0.01 -6.94
N MET A 47 -7.07 0.60 -5.81
CA MET A 47 -6.49 0.13 -4.58
CA MET A 47 -6.49 0.13 -4.57
C MET A 47 -6.92 -1.29 -4.27
N THR A 48 -8.15 -1.69 -4.60
CA THR A 48 -8.56 -3.08 -4.33
C THR A 48 -7.67 -4.03 -5.17
N MET A 49 -7.39 -3.67 -6.38
CA MET A 49 -6.50 -4.49 -7.24
C MET A 49 -5.12 -4.59 -6.60
N PHE A 50 -4.59 -3.46 -6.14
CA PHE A 50 -3.29 -3.39 -5.48
C PHE A 50 -3.28 -4.22 -4.21
N PHE A 51 -4.31 -4.15 -3.39
CA PHE A 51 -4.35 -4.90 -2.14
C PHE A 51 -4.32 -6.41 -2.45
N ASP A 52 -5.12 -6.84 -3.43
CA ASP A 52 -5.18 -8.25 -3.71
C ASP A 52 -3.81 -8.77 -4.19
N ASP A 53 -3.16 -8.03 -5.09
CA ASP A 53 -1.84 -8.43 -5.58
C ASP A 53 -0.81 -8.42 -4.47
N SER A 54 -0.86 -7.40 -3.63
CA SER A 54 0.13 -7.25 -2.59
C SER A 54 0.01 -8.35 -1.56
N GLU A 55 -1.22 -8.71 -1.18
CA GLU A 55 -1.36 -9.73 -0.13
C GLU A 55 -0.87 -11.07 -0.64
N LYS A 56 -1.14 -11.39 -1.87
CA LYS A 56 -0.59 -12.62 -2.47
C LYS A 56 0.90 -12.57 -2.48
N LEU A 57 1.52 -11.46 -2.91
CA LEU A 57 2.92 -11.34 -2.98
C LEU A 57 3.60 -11.48 -1.62
N LEU A 58 3.06 -10.77 -0.61
CA LEU A 58 3.61 -10.85 0.73
CA LEU A 58 3.65 -10.85 0.73
C LEU A 58 3.53 -12.29 1.23
N ASN A 59 2.45 -12.99 0.98
CA ASN A 59 2.36 -14.40 1.42
C ASN A 59 3.43 -15.22 0.71
N ASN A 60 3.66 -14.95 -0.60
CA ASN A 60 4.73 -15.66 -1.30
C ASN A 60 6.06 -15.39 -0.74
N MET A 61 6.35 -14.15 -0.35
CA MET A 61 7.61 -13.81 0.22
CA MET A 61 7.64 -13.83 0.21
C MET A 61 7.82 -14.51 1.57
N SER A 62 6.80 -14.51 2.39
CA SER A 62 6.87 -15.18 3.70
CA SER A 62 6.90 -15.17 3.72
C SER A 62 7.22 -16.64 3.53
N ARG A 63 6.52 -17.33 2.63
CA ARG A 63 6.80 -18.71 2.39
CA ARG A 63 6.77 -18.73 2.35
C ARG A 63 8.18 -18.93 1.85
N ALA A 64 8.61 -18.07 0.96
CA ALA A 64 9.95 -18.19 0.41
C ALA A 64 11.00 -18.14 1.44
N LEU A 65 10.89 -17.23 2.45
CA LEU A 65 11.88 -17.07 3.48
C LEU A 65 11.95 -18.26 4.41
N GLU A 66 10.94 -19.09 4.45
CA GLU A 66 10.88 -20.30 5.27
C GLU A 66 11.45 -21.50 4.63
N GLN A 67 11.72 -21.46 3.34
CA GLN A 67 12.27 -22.59 2.61
C GLN A 67 13.72 -22.78 3.01
N VAL A 68 14.19 -24.01 2.94
CA VAL A 68 15.62 -24.25 3.14
CA VAL A 68 15.61 -24.31 3.16
C VAL A 68 16.07 -25.07 1.94
N PRO A 69 17.03 -24.57 1.18
CA PRO A 69 17.66 -23.27 1.29
C PRO A 69 16.75 -22.14 0.76
N VAL A 70 17.05 -20.96 1.14
CA VAL A 70 16.22 -19.81 0.68
CA VAL A 70 16.26 -19.77 0.71
C VAL A 70 16.71 -19.36 -0.69
N ASN A 71 15.77 -19.03 -1.59
CA ASN A 71 16.06 -18.57 -2.89
C ASN A 71 16.01 -17.01 -2.85
N PHE A 72 17.19 -16.43 -2.51
CA PHE A 72 17.32 -15.01 -2.43
C PHE A 72 17.01 -14.30 -3.75
N LYS A 73 17.24 -14.92 -4.91
CA LYS A 73 16.94 -14.27 -6.19
C LYS A 73 15.45 -14.11 -6.33
N GLN A 74 14.68 -15.09 -5.91
CA GLN A 74 13.25 -14.93 -5.88
CA GLN A 74 13.24 -14.99 -5.82
C GLN A 74 12.77 -13.87 -4.88
N ILE A 75 13.35 -13.84 -3.71
CA ILE A 75 12.98 -12.78 -2.77
CA ILE A 75 12.95 -12.78 -2.75
C ILE A 75 13.19 -11.40 -3.34
N ASP A 76 14.35 -11.24 -3.98
CA ASP A 76 14.67 -9.99 -4.66
CA ASP A 76 14.66 -9.99 -4.61
C ASP A 76 13.68 -9.67 -5.76
N ALA A 77 13.28 -10.66 -6.52
CA ALA A 77 12.32 -10.43 -7.61
C ALA A 77 10.97 -10.01 -7.02
N HIS A 78 10.52 -10.66 -5.98
CA HIS A 78 9.26 -10.29 -5.34
C HIS A 78 9.32 -8.85 -4.83
N ALA A 79 10.41 -8.50 -4.17
CA ALA A 79 10.56 -7.14 -3.62
C ALA A 79 10.50 -6.11 -4.76
N HIS A 80 11.16 -6.40 -5.90
CA HIS A 80 11.13 -5.51 -7.01
C HIS A 80 9.77 -5.37 -7.59
N GLN A 81 9.02 -6.46 -7.73
CA GLN A 81 7.65 -6.42 -8.20
CA GLN A 81 7.66 -6.45 -8.17
C GLN A 81 6.80 -5.57 -7.28
N GLN A 82 6.90 -5.81 -5.96
CA GLN A 82 6.11 -5.02 -5.01
C GLN A 82 6.51 -3.56 -5.04
N LYS A 83 7.77 -3.25 -5.27
CA LYS A 83 8.19 -1.85 -5.36
C LYS A 83 7.43 -1.15 -6.47
N GLY A 84 7.39 -1.77 -7.67
CA GLY A 84 6.73 -1.14 -8.79
C GLY A 84 5.21 -1.04 -8.58
N SER A 85 4.63 -2.06 -7.98
CA SER A 85 3.20 -2.04 -7.70
C SER A 85 2.88 -0.89 -6.73
N SER A 86 3.71 -0.75 -5.70
CA SER A 86 3.55 0.31 -4.71
C SER A 86 3.69 1.67 -5.32
N ALA A 87 4.69 1.83 -6.21
CA ALA A 87 4.86 3.07 -6.93
C ALA A 87 3.67 3.38 -7.79
N SER A 88 2.98 2.44 -8.32
CA SER A 88 1.81 2.65 -9.21
C SER A 88 0.63 3.25 -8.52
N VAL A 89 0.60 3.17 -7.20
CA VAL A 89 -0.50 3.68 -6.41
C VAL A 89 -0.10 4.77 -5.42
N GLY A 90 1.18 5.12 -5.37
CA GLY A 90 1.61 6.16 -4.41
C GLY A 90 1.76 5.70 -2.99
N ALA A 91 2.01 4.41 -2.77
CA ALA A 91 2.23 3.83 -1.43
C ALA A 91 3.71 4.00 -1.09
N ALA A 92 4.08 5.21 -0.64
CA ALA A 92 5.46 5.64 -0.57
C ALA A 92 6.29 4.86 0.44
N ARG A 93 5.76 4.72 1.67
CA ARG A 93 6.50 3.97 2.70
C ARG A 93 6.64 2.53 2.32
N VAL A 94 5.61 1.90 1.74
CA VAL A 94 5.70 0.51 1.30
C VAL A 94 6.78 0.40 0.22
N LYS A 95 6.75 1.30 -0.78
CA LYS A 95 7.71 1.28 -1.87
C LYS A 95 9.14 1.35 -1.31
N ASN A 96 9.34 2.24 -0.33
CA ASN A 96 10.69 2.45 0.13
C ASN A 96 11.17 1.25 0.90
N VAL A 97 10.34 0.56 1.64
CA VAL A 97 10.78 -0.70 2.28
C VAL A 97 11.16 -1.71 1.23
N CYS A 98 10.43 -1.80 0.15
CA CYS A 98 10.77 -2.77 -0.87
C CYS A 98 12.17 -2.59 -1.38
N GLY A 99 12.67 -1.34 -1.42
CA GLY A 99 13.99 -1.11 -1.93
C GLY A 99 15.07 -1.56 -0.99
N THR A 100 14.78 -1.87 0.23
CA THR A 100 15.79 -2.34 1.17
C THR A 100 16.17 -3.79 1.03
N PHE A 101 15.44 -4.62 0.29
CA PHE A 101 15.71 -6.03 0.24
C PHE A 101 16.93 -6.33 -0.60
N ARG A 102 17.21 -5.62 -1.67
CA ARG A 102 18.19 -6.07 -2.67
C ARG A 102 19.53 -6.30 -2.01
N ASN A 103 19.85 -5.31 -1.23
CA ASN A 103 21.19 -5.45 -0.59
C ASN A 103 21.27 -6.79 0.14
N PHE A 104 20.38 -7.21 0.96
CA PHE A 104 20.41 -8.45 1.71
C PHE A 104 20.27 -9.70 0.83
N CYS A 105 19.50 -9.56 -0.23
CA CYS A 105 19.36 -10.68 -1.14
C CYS A 105 20.69 -10.95 -1.82
N GLU A 106 21.37 -9.90 -2.32
CA GLU A 106 22.65 -10.18 -3.00
CA GLU A 106 22.69 -9.92 -2.92
C GLU A 106 23.66 -10.75 -2.07
N ALA A 107 23.58 -10.44 -0.80
CA ALA A 107 24.48 -11.04 0.21
C ALA A 107 24.02 -12.42 0.76
N GLN A 108 22.84 -12.90 0.41
CA GLN A 108 22.29 -14.08 0.97
C GLN A 108 22.20 -13.99 2.47
N ASN A 109 21.74 -12.83 2.94
CA ASN A 109 21.57 -12.57 4.37
C ASN A 109 20.09 -12.74 4.74
N LEU A 110 19.83 -13.78 5.39
CA LEU A 110 18.46 -14.08 5.78
C LEU A 110 17.89 -13.30 6.97
N GLU A 111 18.64 -13.05 7.92
CA GLU A 111 18.11 -12.20 9.00
C GLU A 111 17.80 -10.77 8.55
N GLY A 112 18.61 -10.19 7.66
CA GLY A 112 18.23 -8.93 7.01
C GLY A 112 16.93 -8.97 6.26
N CYS A 113 16.80 -10.03 5.47
N CYS A 113 16.79 -10.04 5.49
CA CYS A 113 15.59 -10.21 4.70
CA CYS A 113 15.56 -10.22 4.75
C CYS A 113 14.36 -10.34 5.62
C CYS A 113 14.35 -10.33 5.64
N VAL A 114 14.52 -11.07 6.74
CA VAL A 114 13.40 -11.22 7.68
C VAL A 114 13.02 -9.88 8.18
N ARG A 115 14.04 -9.06 8.57
CA ARG A 115 13.70 -7.69 9.10
C ARG A 115 12.95 -6.93 8.05
N CYS A 116 13.46 -6.93 6.81
CA CYS A 116 12.83 -6.21 5.72
C CYS A 116 11.37 -6.65 5.54
N LEU A 117 11.12 -7.96 5.58
CA LEU A 117 9.75 -8.48 5.44
C LEU A 117 8.83 -8.06 6.58
N GLN A 118 9.38 -8.04 7.80
CA GLN A 118 8.58 -7.59 8.91
C GLN A 118 8.19 -6.10 8.73
N GLN A 119 9.11 -5.32 8.28
CA GLN A 119 8.80 -3.90 8.03
C GLN A 119 7.78 -3.78 6.92
N LEU A 120 7.94 -4.56 5.88
CA LEU A 120 7.03 -4.50 4.74
C LEU A 120 5.61 -4.86 5.14
N GLN A 121 5.47 -5.95 5.89
CA GLN A 121 4.15 -6.35 6.34
CA GLN A 121 4.15 -6.36 6.33
C GLN A 121 3.51 -5.27 7.21
N GLN A 122 4.32 -4.68 8.10
CA GLN A 122 3.86 -3.62 9.02
CA GLN A 122 3.65 -3.67 8.99
C GLN A 122 3.35 -2.41 8.18
N GLU A 123 4.19 -1.98 7.29
CA GLU A 123 3.88 -0.83 6.46
C GLU A 123 2.67 -1.07 5.59
N TYR A 124 2.53 -2.28 5.04
CA TYR A 124 1.38 -2.60 4.21
C TYR A 124 0.11 -2.52 5.04
N SER A 125 0.13 -3.11 6.22
CA SER A 125 -1.06 -3.08 7.06
CA SER A 125 -1.03 -3.08 7.10
C SER A 125 -1.43 -1.66 7.47
N LEU A 126 -0.45 -0.85 7.81
CA LEU A 126 -0.72 0.56 8.18
C LEU A 126 -1.36 1.27 7.03
N LEU A 127 -0.81 1.07 5.82
CA LEU A 127 -1.35 1.73 4.64
C LEU A 127 -2.79 1.30 4.39
N LYS A 128 -3.01 -0.02 4.37
CA LYS A 128 -4.33 -0.55 4.03
C LYS A 128 -5.36 -0.06 5.03
N ASN A 129 -5.04 -0.13 6.33
CA ASN A 129 -6.03 0.30 7.35
C ASN A 129 -6.31 1.81 7.22
N ASN A 130 -5.30 2.59 6.98
CA ASN A 130 -5.52 4.05 6.83
C ASN A 130 -6.31 4.35 5.55
N LEU A 131 -6.04 3.68 4.44
CA LEU A 131 -6.81 3.88 3.25
C LEU A 131 -8.23 3.43 3.39
N LYS A 132 -8.48 2.30 4.06
CA LYS A 132 -9.85 1.84 4.29
CA LYS A 132 -9.86 1.89 4.22
C LYS A 132 -10.63 2.90 5.04
N TYR A 133 -10.01 3.58 5.98
CA TYR A 133 -10.69 4.68 6.71
C TYR A 133 -11.00 5.84 5.80
N LEU A 134 -10.06 6.21 4.94
CA LEU A 134 -10.28 7.26 3.94
CA LEU A 134 -10.32 7.28 3.99
C LEU A 134 -11.53 6.91 3.12
N PHE A 135 -11.57 5.69 2.63
CA PHE A 135 -12.65 5.27 1.76
C PHE A 135 -13.98 5.19 2.50
N LYS A 136 -13.95 4.79 3.79
CA LYS A 136 -15.17 4.77 4.60
C LYS A 136 -15.77 6.16 4.66
N LEU A 137 -14.93 7.16 4.95
CA LEU A 137 -15.43 8.52 5.05
C LEU A 137 -15.97 9.00 3.70
N GLN A 138 -15.26 8.71 2.61
CA GLN A 138 -15.72 9.12 1.29
CA GLN A 138 -15.73 9.16 1.30
C GLN A 138 -17.08 8.53 1.00
N GLN A 139 -17.28 7.27 1.33
N GLN A 139 -17.26 7.27 1.31
CA GLN A 139 -18.54 6.58 1.09
CA GLN A 139 -18.55 6.63 1.06
C GLN A 139 -19.70 7.19 1.90
C GLN A 139 -19.67 7.23 1.91
N GLU A 140 -19.37 7.56 3.16
CA GLU A 140 -20.39 8.17 4.00
C GLU A 140 -20.80 9.54 3.44
N ILE A 141 -19.86 10.30 2.95
CA ILE A 141 -20.15 11.58 2.32
C ILE A 141 -21.02 11.37 1.08
N LYS A 142 -20.70 10.38 0.26
CA LYS A 142 -21.55 10.06 -0.91
C LYS A 142 -22.95 9.74 -0.48
N THR A 143 -23.10 8.91 0.55
CA THR A 143 -24.40 8.52 1.04
C THR A 143 -25.19 9.79 1.47
N ALA A 144 -24.56 10.69 2.12
CA ALA A 144 -25.21 11.91 2.62
C ALA A 144 -25.74 12.65 1.46
N GLY A 145 -25.04 12.61 0.36
CA GLY A 145 -25.43 13.39 -0.81
C GLY A 145 -26.77 12.96 -1.31
N ARG A 146 -27.02 11.65 -1.39
CA ARG A 146 -28.08 11.17 -2.30
C ARG A 146 -29.45 11.71 -1.91
N SER A 147 -30.31 12.09 -2.87
CA SER A 147 -30.21 11.94 -4.29
C SER A 147 -31.42 11.45 -5.01
#